data_6O24
#
_entry.id   6O24
#
_cell.length_a   62.998
_cell.length_b   76.785
_cell.length_c   63.657
_cell.angle_alpha   90.000
_cell.angle_beta   98.940
_cell.angle_gamma   90.000
#
_symmetry.space_group_name_H-M   'P 1 21 1'
#
loop_
_entity.id
_entity.type
_entity.pdbx_description
1 polymer '4498 Fab heavy chain'
2 polymer '4498 Kappa light chain'
3 polymer 'Anti-kappa VHH domain'
4 polymer 'Circumsporozoite protein'
5 non-polymer 1,2-ETHANEDIOL
6 non-polymer 'CITRIC ACID'
7 water water
#
loop_
_entity_poly.entity_id
_entity_poly.type
_entity_poly.pdbx_seq_one_letter_code
_entity_poly.pdbx_strand_id
1 'polypeptide(L)'
;(PCA)VQLVESGGGVVQPGRSLRLSCAASGFTFSIYGMHWVRQAPGKGLEWVALIWYDGTNKYYTDSVKGRFTISRDNSK
NTLFLQMNSVRAEDTAVYYCARDAHYSDSSGYSSWGYFDYWGQGSLVTVSSASTKGPSVFPLAPSSKSTSGGTAALGCLV
KDYFPEPVTVSWNSGALTSGVHTFPAVLQSSGLYSLSSVVTVPSSSLGTQTYICNVNHKPSNTKVDKRVEPKSC
;
A
2 'polypeptide(L)'
;EIVLTQSPATLSLSPGERATLSCRASQSVSSYLAWYQQKPGQAPRLLIFDASIRATGIPARFSGSGSGTDFTLTISSLEP
EDFAVYYCQQRSNWYTFGQGTKLEIKRTVAAPSVFIFPPSDEQLKSGTASVVCLLNNFYPREAKVQWKVDNALQSGNSQE
SVTEQDSKDSTYSLSSTLTLSKADYEKHKVYACEVTHQGLSSPVTKSFNRGEC
;
B
3 'polypeptide(L)'
;(UNK)VQL(UNK)(UNK)SGGG(UNK)VQ(UNK)G(UNK)SL(UNK)LSC(UNK)A(UNK)(UNK)(UNK)(UNK)
(UNK)(UNK)(UNK)(UNK)(UNK)(UNK)(UNK)W(UNK)RQ(UNK)PG(UNK)(UNK)RE(UNK)V(UNK)(UNK)
(UNK)(UNK)(UNK)(UNK)(UNK)(UNK)(UNK)(UNK)(UNK)(UNK)(UNK)DS(UNK)(UNK)GRFT(UNK)S
(UNK)D(UNK)(UNK)(UNK)(UNK)(UNK)(UNK)(UNK)LQ(UNK)(UNK)(UNK)L(UNK)(UNK)(UNK)D(UNK)
A(UNK)YYC(UNK)(UNK)(UNK)(UNK)(UNK)(UNK)(UNK)(UNK)(UNK)(UNK)(UNK)(UNK)(UNK)(UNK)W
G(UNK)GT(UNK)VTVSS
;
K
4 'polypeptide(L)' NANPNANPNANP I
#
# COMPACT_ATOMS: atom_id res chain seq x y z
N VAL A 2 -25.48 -17.25 -6.42
CA VAL A 2 -24.57 -17.03 -7.57
C VAL A 2 -23.13 -17.34 -7.18
N GLN A 3 -22.47 -18.25 -7.91
CA GLN A 3 -21.08 -18.62 -7.65
C GLN A 3 -20.35 -18.78 -8.96
N LEU A 4 -19.10 -18.27 -8.99
CA LEU A 4 -18.20 -18.51 -10.10
C LEU A 4 -16.91 -19.06 -9.51
N VAL A 5 -16.55 -20.30 -9.86
CA VAL A 5 -15.36 -20.95 -9.29
C VAL A 5 -14.35 -21.16 -10.40
N GLU A 6 -13.20 -20.53 -10.28
CA GLU A 6 -12.19 -20.66 -11.32
C GLU A 6 -11.19 -21.76 -11.00
N SER A 7 -10.57 -22.29 -12.06
CA SER A 7 -9.49 -23.26 -11.89
C SER A 7 -8.59 -23.16 -13.12
N GLY A 8 -7.40 -23.74 -13.01
CA GLY A 8 -6.51 -23.85 -14.14
C GLY A 8 -5.29 -22.94 -14.06
N GLY A 9 -5.17 -22.10 -13.06
CA GLY A 9 -4.04 -21.21 -13.03
C GLY A 9 -2.77 -21.93 -12.60
N GLY A 10 -1.70 -21.19 -12.66
CA GLY A 10 -0.40 -21.71 -12.29
C GLY A 10 0.67 -21.04 -13.12
N VAL A 11 1.84 -21.67 -13.14
CA VAL A 11 3.01 -21.16 -13.84
C VAL A 11 2.98 -21.69 -15.26
N VAL A 12 3.31 -20.84 -16.24
CA VAL A 12 3.37 -21.22 -17.65
C VAL A 12 4.58 -20.52 -18.26
N GLN A 13 5.34 -21.24 -19.10
CA GLN A 13 6.53 -20.64 -19.69
C GLN A 13 6.11 -19.73 -20.84
N PRO A 14 6.87 -18.68 -21.09
CA PRO A 14 6.61 -17.81 -22.23
C PRO A 14 6.51 -18.60 -23.52
N GLY A 15 5.51 -18.23 -24.31
CA GLY A 15 5.30 -18.87 -25.59
C GLY A 15 4.33 -20.04 -25.55
N ARG A 16 4.08 -20.57 -24.36
CA ARG A 16 3.18 -21.72 -24.18
C ARG A 16 1.74 -21.30 -23.98
N SER A 17 0.92 -22.29 -23.77
CA SER A 17 -0.51 -22.08 -23.60
C SER A 17 -0.97 -22.55 -22.22
N LEU A 18 -2.07 -21.95 -21.75
CA LEU A 18 -2.72 -22.29 -20.49
C LEU A 18 -4.22 -22.00 -20.67
N ARG A 19 -5.09 -22.93 -20.22
CA ARG A 19 -6.53 -22.72 -20.30
C ARG A 19 -7.13 -22.53 -18.91
N LEU A 20 -7.83 -21.43 -18.72
CA LEU A 20 -8.60 -21.18 -17.49
C LEU A 20 -10.05 -21.59 -17.65
N SER A 21 -10.65 -22.08 -16.54
CA SER A 21 -12.05 -22.49 -16.48
C SER A 21 -12.74 -21.69 -15.38
N CYS A 22 -14.02 -21.41 -15.61
CA CYS A 22 -14.88 -20.71 -14.66
C CYS A 22 -16.18 -21.48 -14.64
N ALA A 23 -16.42 -22.25 -13.56
CA ALA A 23 -17.61 -23.06 -13.41
C ALA A 23 -18.68 -22.27 -12.67
N ALA A 24 -19.83 -22.08 -13.30
CA ALA A 24 -20.91 -21.26 -12.74
C ALA A 24 -21.98 -22.13 -12.10
N SER A 25 -22.54 -21.64 -10.99
CA SER A 25 -23.69 -22.26 -10.36
C SER A 25 -24.59 -21.18 -9.79
N GLY A 26 -25.85 -21.50 -9.60
CA GLY A 26 -26.72 -20.61 -8.84
C GLY A 26 -27.39 -19.52 -9.63
N PHE A 27 -27.30 -19.57 -10.97
CA PHE A 27 -28.04 -18.65 -11.84
C PHE A 27 -28.13 -19.32 -13.21
N THR A 28 -28.93 -18.72 -14.10
CA THR A 28 -29.12 -19.28 -15.45
C THR A 28 -27.92 -18.84 -16.31
N PHE A 29 -26.86 -19.66 -16.33
CA PHE A 29 -25.62 -19.29 -17.03
C PHE A 29 -25.88 -18.89 -18.48
N SER A 30 -26.75 -19.64 -19.17
CA SER A 30 -26.88 -19.50 -20.62
C SER A 30 -27.61 -18.23 -21.07
N ILE A 31 -28.10 -17.39 -20.14
CA ILE A 31 -28.70 -16.12 -20.54
C ILE A 31 -27.77 -14.92 -20.30
N TYR A 32 -26.56 -15.12 -19.77
CA TYR A 32 -25.70 -14.01 -19.38
C TYR A 32 -24.48 -13.96 -20.28
N GLY A 33 -24.17 -12.76 -20.75
CA GLY A 33 -22.82 -12.53 -21.25
C GLY A 33 -21.82 -12.68 -20.12
N MET A 34 -20.58 -13.05 -20.49
CA MET A 34 -19.54 -13.31 -19.51
C MET A 34 -18.23 -12.64 -19.95
N HIS A 35 -17.45 -12.18 -18.97
CA HIS A 35 -16.21 -11.44 -19.23
C HIS A 35 -15.05 -12.11 -18.49
N TRP A 36 -13.85 -11.80 -18.95
CA TRP A 36 -12.64 -12.00 -18.16
C TRP A 36 -12.00 -10.64 -17.92
N VAL A 37 -11.52 -10.41 -16.70
CA VAL A 37 -10.86 -9.19 -16.28
C VAL A 37 -9.62 -9.64 -15.54
N ARG A 38 -8.50 -8.91 -15.67
CA ARG A 38 -7.28 -9.31 -14.99
C ARG A 38 -6.63 -8.17 -14.20
N GLN A 39 -5.75 -8.56 -13.29
CA GLN A 39 -5.14 -7.58 -12.38
C GLN A 39 -3.71 -8.02 -12.17
N ALA A 40 -2.77 -7.26 -12.77
CA ALA A 40 -1.37 -7.61 -12.60
C ALA A 40 -0.95 -7.30 -11.16
N PRO A 41 0.13 -7.91 -10.67
CA PRO A 41 0.49 -7.73 -9.26
C PRO A 41 0.76 -6.28 -8.93
N GLY A 42 0.04 -5.79 -7.93
CA GLY A 42 0.18 -4.41 -7.46
C GLY A 42 -0.50 -3.36 -8.33
N LYS A 43 -1.24 -3.75 -9.35
CA LYS A 43 -1.77 -2.82 -10.33
C LYS A 43 -3.31 -2.84 -10.29
N GLY A 44 -3.90 -2.09 -11.22
CA GLY A 44 -5.35 -1.96 -11.29
C GLY A 44 -5.99 -3.06 -12.15
N LEU A 45 -7.27 -2.84 -12.46
CA LEU A 45 -8.07 -3.83 -13.21
C LEU A 45 -8.01 -3.52 -14.71
N GLU A 46 -7.93 -4.59 -15.54
CA GLU A 46 -7.96 -4.45 -17.00
C GLU A 46 -8.92 -5.46 -17.60
N TRP A 47 -9.91 -4.97 -18.34
CA TRP A 47 -10.82 -5.87 -19.06
C TRP A 47 -10.07 -6.60 -20.16
N VAL A 48 -10.35 -7.90 -20.31
CA VAL A 48 -9.66 -8.77 -21.25
C VAL A 48 -10.55 -9.19 -22.43
N ALA A 49 -11.75 -9.72 -22.14
CA ALA A 49 -12.55 -10.32 -23.19
C ALA A 49 -13.99 -10.53 -22.72
N LEU A 50 -14.89 -10.59 -23.69
CA LEU A 50 -16.32 -10.81 -23.45
C LEU A 50 -16.86 -11.82 -24.45
N ILE A 51 -17.86 -12.61 -24.03
CA ILE A 51 -18.57 -13.51 -24.94
C ILE A 51 -20.08 -13.39 -24.68
N TRP A 52 -20.84 -13.32 -25.76
CA TRP A 52 -22.29 -13.27 -25.61
C TRP A 52 -22.85 -14.56 -24.99
N TYR A 53 -24.07 -14.42 -24.44
CA TYR A 53 -24.74 -15.52 -23.75
C TYR A 53 -24.76 -16.81 -24.57
N ASP A 54 -24.91 -16.70 -25.89
CA ASP A 54 -25.07 -17.86 -26.79
C ASP A 54 -23.77 -18.21 -27.49
N GLY A 55 -22.66 -17.63 -27.06
CA GLY A 55 -21.38 -18.01 -27.59
C GLY A 55 -21.05 -17.44 -28.94
N THR A 56 -21.92 -16.62 -29.51
CA THR A 56 -21.68 -16.09 -30.84
C THR A 56 -20.61 -15.01 -30.80
N ASN A 57 -20.99 -13.79 -30.43
CA ASN A 57 -20.05 -12.69 -30.54
C ASN A 57 -19.04 -12.71 -29.41
N LYS A 58 -17.80 -12.34 -29.75
CA LYS A 58 -16.67 -12.32 -28.83
C LYS A 58 -15.83 -11.09 -29.13
N TYR A 59 -15.39 -10.43 -28.08
CA TYR A 59 -14.56 -9.24 -28.18
C TYR A 59 -13.36 -9.36 -27.25
N TYR A 60 -12.24 -8.75 -27.67
CA TYR A 60 -10.97 -8.85 -26.95
C TYR A 60 -10.29 -7.48 -26.84
N THR A 61 -9.58 -7.26 -25.73
CA THR A 61 -8.73 -6.08 -25.63
C THR A 61 -7.53 -6.22 -26.58
N ASP A 62 -7.00 -5.08 -27.04
CA ASP A 62 -6.05 -5.12 -28.14
C ASP A 62 -4.83 -5.99 -27.85
N SER A 63 -4.31 -5.95 -26.62
CA SER A 63 -3.04 -6.62 -26.33
C SER A 63 -3.14 -8.14 -26.27
N VAL A 64 -4.34 -8.72 -26.28
CA VAL A 64 -4.48 -10.16 -26.28
C VAL A 64 -5.12 -10.68 -27.56
N LYS A 65 -5.66 -9.79 -28.38
CA LYS A 65 -6.36 -10.22 -29.58
C LYS A 65 -5.41 -10.98 -30.49
N GLY A 66 -5.87 -12.14 -30.96
CA GLY A 66 -5.05 -13.04 -31.77
C GLY A 66 -4.18 -13.99 -30.98
N ARG A 67 -4.12 -13.86 -29.65
CA ARG A 67 -3.40 -14.77 -28.76
C ARG A 67 -4.34 -15.49 -27.81
N PHE A 68 -5.40 -14.83 -27.33
CA PHE A 68 -6.32 -15.47 -26.41
C PHE A 68 -7.63 -15.72 -27.13
N THR A 69 -8.34 -16.77 -26.69
CA THR A 69 -9.66 -17.15 -27.23
C THR A 69 -10.61 -17.36 -26.07
N ILE A 70 -11.80 -16.73 -26.12
CA ILE A 70 -12.81 -16.93 -25.09
C ILE A 70 -13.84 -17.91 -25.66
N SER A 71 -14.40 -18.79 -24.81
CA SER A 71 -15.42 -19.76 -25.26
C SER A 71 -16.27 -20.10 -24.05
N ARG A 72 -17.36 -20.78 -24.32
CA ARG A 72 -18.20 -21.24 -23.21
C ARG A 72 -18.84 -22.56 -23.63
N ASP A 73 -19.22 -23.36 -22.62
CA ASP A 73 -19.98 -24.59 -22.83
C ASP A 73 -21.20 -24.46 -21.91
N ASN A 74 -22.31 -24.02 -22.49
CA ASN A 74 -23.50 -23.79 -21.68
C ASN A 74 -24.02 -25.08 -21.06
N SER A 75 -23.88 -26.21 -21.74
CA SER A 75 -24.40 -27.46 -21.17
C SER A 75 -23.68 -27.85 -19.89
N LYS A 76 -22.44 -27.39 -19.70
CA LYS A 76 -21.65 -27.63 -18.51
C LYS A 76 -21.53 -26.38 -17.63
N ASN A 77 -22.25 -25.30 -17.96
CA ASN A 77 -22.17 -24.03 -17.21
C ASN A 77 -20.73 -23.61 -16.94
N THR A 78 -19.88 -23.67 -17.99
CA THR A 78 -18.48 -23.30 -17.86
C THR A 78 -18.04 -22.28 -18.91
N LEU A 79 -17.29 -21.29 -18.46
CA LEU A 79 -16.63 -20.29 -19.30
C LEU A 79 -15.13 -20.57 -19.35
N PHE A 80 -14.51 -20.40 -20.54
CA PHE A 80 -13.08 -20.71 -20.71
C PHE A 80 -12.34 -19.50 -21.24
N LEU A 81 -11.05 -19.38 -20.85
CA LEU A 81 -10.09 -18.47 -21.48
C LEU A 81 -8.89 -19.32 -21.91
N GLN A 82 -8.71 -19.45 -23.23
CA GLN A 82 -7.53 -20.14 -23.76
C GLN A 82 -6.45 -19.10 -24.05
N MET A 83 -5.40 -19.15 -23.27
CA MET A 83 -4.31 -18.19 -23.39
C MET A 83 -3.17 -18.85 -24.19
N ASN A 84 -2.85 -18.30 -25.37
CA ASN A 84 -1.78 -18.84 -26.21
C ASN A 84 -0.67 -17.83 -26.34
N SER A 85 0.50 -18.30 -26.74
CA SER A 85 1.62 -17.41 -26.97
C SER A 85 1.83 -16.43 -25.81
N VAL A 86 1.81 -16.95 -24.57
CA VAL A 86 1.76 -16.04 -23.41
C VAL A 86 3.09 -15.28 -23.26
N ARG A 87 3.01 -14.12 -22.60
CA ARG A 87 4.13 -13.23 -22.38
C ARG A 87 4.17 -12.82 -20.92
N ALA A 88 5.33 -12.36 -20.45
CA ALA A 88 5.48 -12.04 -19.03
C ALA A 88 4.43 -11.04 -18.59
N GLU A 89 4.08 -10.10 -19.48
CA GLU A 89 3.13 -9.04 -19.16
C GLU A 89 1.70 -9.57 -18.96
N ASP A 90 1.46 -10.83 -19.29
CA ASP A 90 0.16 -11.48 -19.01
C ASP A 90 0.08 -12.00 -17.61
N THR A 91 1.14 -11.89 -16.81
CA THR A 91 1.12 -12.33 -15.44
C THR A 91 0.09 -11.50 -14.70
N ALA A 92 -0.86 -12.17 -14.04
CA ALA A 92 -1.94 -11.45 -13.38
C ALA A 92 -2.83 -12.45 -12.68
N VAL A 93 -3.66 -11.94 -11.77
CA VAL A 93 -4.86 -12.66 -11.33
C VAL A 93 -5.96 -12.43 -12.35
N TYR A 94 -6.50 -13.53 -12.88
CA TYR A 94 -7.57 -13.47 -13.87
C TYR A 94 -8.90 -13.76 -13.18
N TYR A 95 -9.87 -12.88 -13.38
CA TYR A 95 -11.22 -13.06 -12.85
C TYR A 95 -12.19 -13.31 -13.97
N CYS A 96 -13.10 -14.28 -13.80
CA CYS A 96 -14.29 -14.24 -14.63
C CYS A 96 -15.34 -13.37 -13.92
N ALA A 97 -16.23 -12.78 -14.71
CA ALA A 97 -17.27 -11.91 -14.17
C ALA A 97 -18.50 -12.03 -15.05
N ARG A 98 -19.65 -12.00 -14.41
CA ARG A 98 -20.90 -12.00 -15.15
C ARG A 98 -21.26 -10.58 -15.59
N ASP A 99 -21.78 -10.44 -16.80
CA ASP A 99 -22.30 -9.14 -17.23
C ASP A 99 -23.52 -8.77 -16.41
N ALA A 100 -23.49 -7.60 -15.79
CA ALA A 100 -24.53 -7.13 -14.87
C ALA A 100 -25.71 -6.65 -15.70
N HIS A 101 -26.49 -7.60 -16.18
CA HIS A 101 -27.72 -7.28 -16.88
C HIS A 101 -28.75 -6.82 -15.86
N TYR A 102 -29.43 -5.72 -16.17
CA TYR A 102 -30.37 -5.09 -15.25
C TYR A 102 -31.51 -4.57 -16.09
N SER A 103 -32.73 -4.67 -15.56
CA SER A 103 -33.90 -4.06 -16.16
C SER A 103 -34.85 -3.65 -15.06
N ASP A 104 -35.78 -2.75 -15.37
CA ASP A 104 -36.78 -2.32 -14.40
C ASP A 104 -38.18 -2.57 -14.97
N SER A 105 -39.19 -2.04 -14.27
CA SER A 105 -40.59 -2.23 -14.64
C SER A 105 -41.01 -1.33 -15.80
N SER A 106 -40.14 -0.45 -16.27
CA SER A 106 -40.47 0.54 -17.30
C SER A 106 -39.66 0.39 -18.57
N GLY A 107 -39.02 -0.76 -18.78
CA GLY A 107 -38.26 -0.98 -19.99
C GLY A 107 -36.83 -0.47 -19.97
N TYR A 108 -36.38 0.12 -18.87
CA TYR A 108 -34.96 0.45 -18.73
C TYR A 108 -34.15 -0.84 -18.75
N SER A 109 -32.99 -0.80 -19.41
CA SER A 109 -32.11 -1.96 -19.52
C SER A 109 -30.66 -1.50 -19.47
N SER A 110 -29.85 -2.18 -18.64
CA SER A 110 -28.42 -1.88 -18.51
C SER A 110 -27.61 -3.15 -18.69
N TRP A 111 -26.30 -2.99 -18.97
CA TRP A 111 -25.36 -4.08 -19.13
C TRP A 111 -23.96 -3.46 -19.22
N GLY A 112 -22.94 -4.31 -19.32
CA GLY A 112 -21.59 -3.80 -19.51
C GLY A 112 -20.85 -3.48 -18.23
N TYR A 113 -21.37 -3.89 -17.09
CA TYR A 113 -20.67 -3.86 -15.80
C TYR A 113 -20.54 -5.28 -15.30
N PHE A 114 -19.85 -5.47 -14.19
CA PHE A 114 -19.40 -6.80 -13.76
C PHE A 114 -19.99 -7.05 -12.37
N ASP A 115 -21.04 -7.87 -12.26
CA ASP A 115 -21.82 -7.92 -11.01
C ASP A 115 -21.44 -9.02 -10.06
N TYR A 116 -20.90 -10.15 -10.53
CA TYR A 116 -20.45 -11.23 -9.67
C TYR A 116 -19.16 -11.76 -10.30
N TRP A 117 -18.21 -12.07 -9.43
CA TRP A 117 -16.85 -12.35 -9.88
C TRP A 117 -16.39 -13.68 -9.32
N GLY A 118 -15.55 -14.36 -10.06
CA GLY A 118 -14.84 -15.49 -9.51
C GLY A 118 -13.85 -15.08 -8.43
N GLN A 119 -13.25 -16.08 -7.80
CA GLN A 119 -12.29 -15.83 -6.73
C GLN A 119 -10.94 -15.36 -7.24
N GLY A 120 -10.69 -15.46 -8.55
CA GLY A 120 -9.40 -15.15 -9.15
C GLY A 120 -8.54 -16.39 -9.29
N SER A 121 -7.82 -16.46 -10.40
CA SER A 121 -6.81 -17.50 -10.62
C SER A 121 -5.52 -16.80 -11.04
N LEU A 122 -4.45 -17.00 -10.26
CA LEU A 122 -3.14 -16.42 -10.60
C LEU A 122 -2.49 -17.20 -11.73
N VAL A 123 -2.10 -16.49 -12.79
CA VAL A 123 -1.30 -17.03 -13.89
C VAL A 123 0.04 -16.31 -13.86
N THR A 124 1.12 -17.07 -13.68
CA THR A 124 2.50 -16.53 -13.60
C THR A 124 3.21 -16.97 -14.86
N VAL A 125 3.54 -16.02 -15.72
CA VAL A 125 4.25 -16.35 -16.97
C VAL A 125 5.74 -16.10 -16.69
N SER A 126 6.55 -17.15 -16.69
CA SER A 126 7.95 -17.03 -16.32
C SER A 126 8.69 -18.23 -16.86
N SER A 127 9.96 -18.03 -17.14
CA SER A 127 10.85 -19.13 -17.48
C SER A 127 11.56 -19.71 -16.27
N ALA A 128 11.38 -19.12 -15.10
CA ALA A 128 12.10 -19.59 -13.93
C ALA A 128 11.67 -21.00 -13.57
N SER A 129 12.60 -21.76 -12.97
CA SER A 129 12.31 -23.13 -12.54
C SER A 129 12.05 -23.14 -11.04
N THR A 130 11.26 -24.12 -10.63
CA THR A 130 10.95 -24.30 -9.22
C THR A 130 12.20 -24.40 -8.37
N LYS A 131 12.25 -23.60 -7.30
CA LYS A 131 13.44 -23.50 -6.50
C LYS A 131 13.02 -23.07 -5.11
N GLY A 132 13.52 -23.71 -4.07
CA GLY A 132 13.25 -23.25 -2.71
C GLY A 132 14.15 -22.09 -2.30
N PRO A 133 13.75 -21.41 -1.23
CA PRO A 133 14.54 -20.25 -0.79
C PRO A 133 15.79 -20.70 -0.04
N SER A 134 16.80 -19.82 -0.07
CA SER A 134 17.87 -19.85 0.89
C SER A 134 17.43 -18.97 2.05
N VAL A 135 17.67 -19.39 3.29
CA VAL A 135 17.15 -18.68 4.47
C VAL A 135 18.35 -18.18 5.29
N PHE A 136 18.39 -16.86 5.54
CA PHE A 136 19.52 -16.28 6.23
C PHE A 136 19.07 -15.50 7.46
N PRO A 137 19.82 -15.52 8.54
CA PRO A 137 19.38 -14.76 9.74
C PRO A 137 19.57 -13.26 9.53
N LEU A 138 18.65 -12.51 10.14
CA LEU A 138 18.81 -11.06 10.32
C LEU A 138 19.06 -10.90 11.80
N ALA A 139 20.32 -10.76 12.17
CA ALA A 139 20.68 -10.94 13.57
C ALA A 139 20.41 -9.68 14.36
N PRO A 140 19.99 -9.80 15.63
CA PRO A 140 19.76 -8.59 16.42
C PRO A 140 21.08 -8.02 16.91
N SER A 141 21.13 -6.70 17.14
CA SER A 141 22.28 -6.11 17.84
C SER A 141 21.81 -4.81 18.47
N SER A 142 22.77 -3.97 18.89
CA SER A 142 22.40 -2.64 19.32
C SER A 142 22.02 -1.74 18.15
N LYS A 143 22.49 -2.05 16.93
CA LYS A 143 22.02 -1.37 15.72
C LYS A 143 20.62 -1.84 15.33
N SER A 144 20.09 -2.88 15.98
CA SER A 144 18.68 -3.20 15.87
C SER A 144 18.00 -3.14 17.25
N THR A 145 18.33 -2.14 18.07
CA THR A 145 17.65 -1.94 19.35
C THR A 145 17.11 -0.52 19.41
N SER A 146 15.81 -0.39 19.68
CA SER A 146 15.17 0.90 19.93
C SER A 146 14.53 0.81 21.32
N GLY A 147 15.24 1.34 22.33
CA GLY A 147 14.74 1.29 23.69
C GLY A 147 15.10 -0.04 24.35
N GLY A 148 14.10 -0.69 24.95
CA GLY A 148 14.29 -2.00 25.51
C GLY A 148 13.75 -3.07 24.58
N THR A 149 13.58 -2.71 23.29
CA THR A 149 13.02 -3.58 22.27
C THR A 149 14.07 -3.85 21.19
N ALA A 150 14.19 -5.10 20.81
CA ALA A 150 15.10 -5.43 19.74
C ALA A 150 14.31 -6.02 18.57
N ALA A 151 14.89 -5.95 17.39
CA ALA A 151 14.30 -6.60 16.23
C ALA A 151 15.26 -7.65 15.69
N LEU A 152 14.68 -8.71 15.14
CA LEU A 152 15.46 -9.76 14.49
C LEU A 152 14.59 -10.34 13.37
N GLY A 153 15.17 -11.21 12.53
CA GLY A 153 14.34 -11.71 11.45
C GLY A 153 15.03 -12.79 10.63
N CYS A 154 14.41 -13.10 9.50
CA CYS A 154 15.03 -14.02 8.53
CA CYS A 154 15.09 -13.94 8.53
C CYS A 154 14.76 -13.49 7.14
N LEU A 155 15.78 -13.55 6.30
CA LEU A 155 15.71 -13.21 4.88
C LEU A 155 15.48 -14.53 4.13
N VAL A 156 14.43 -14.53 3.31
CA VAL A 156 13.96 -15.73 2.61
C VAL A 156 14.15 -15.41 1.13
N LYS A 157 15.28 -15.86 0.55
CA LYS A 157 15.75 -15.28 -0.70
C LYS A 157 15.78 -16.28 -1.85
N ASP A 158 15.37 -15.83 -3.03
CA ASP A 158 15.69 -16.52 -4.30
C ASP A 158 14.83 -17.80 -4.46
N TYR A 159 13.54 -17.67 -4.32
CA TYR A 159 12.63 -18.81 -4.53
C TYR A 159 11.69 -18.59 -5.69
N PHE A 160 11.11 -19.69 -6.19
CA PHE A 160 10.10 -19.61 -7.25
C PHE A 160 9.26 -20.86 -7.29
N PRO A 161 7.96 -20.78 -7.49
CA PRO A 161 7.12 -19.57 -7.58
C PRO A 161 6.69 -19.18 -6.15
N GLU A 162 5.81 -18.18 -6.03
CA GLU A 162 5.14 -17.96 -4.74
C GLU A 162 4.21 -19.14 -4.45
N PRO A 163 3.84 -19.35 -3.17
CA PRO A 163 4.25 -18.53 -2.00
C PRO A 163 5.18 -19.27 -1.04
N VAL A 164 5.80 -18.55 -0.11
CA VAL A 164 6.42 -19.13 1.06
C VAL A 164 5.58 -18.74 2.26
N THR A 165 5.68 -19.51 3.30
CA THR A 165 5.15 -19.11 4.62
C THR A 165 6.25 -19.14 5.67
N VAL A 166 6.18 -18.25 6.68
CA VAL A 166 7.17 -18.18 7.73
C VAL A 166 6.43 -18.18 9.05
N SER A 167 6.86 -18.99 9.99
CA SER A 167 6.45 -18.96 11.39
C SER A 167 7.68 -18.72 12.25
N TRP A 168 7.46 -18.48 13.53
CA TRP A 168 8.52 -18.24 14.49
C TRP A 168 8.32 -19.14 15.69
N ASN A 169 9.41 -19.86 16.08
CA ASN A 169 9.38 -20.76 17.23
C ASN A 169 8.23 -21.73 17.09
N SER A 170 8.07 -22.24 15.86
CA SER A 170 7.12 -23.32 15.56
C SER A 170 5.68 -22.87 15.78
N GLY A 171 5.45 -21.56 15.66
CA GLY A 171 4.14 -20.97 15.91
C GLY A 171 3.92 -20.43 17.30
N ALA A 172 4.88 -20.59 18.23
CA ALA A 172 4.73 -20.08 19.59
C ALA A 172 4.91 -18.56 19.69
N LEU A 173 5.57 -17.94 18.73
CA LEU A 173 5.82 -16.50 18.73
C LEU A 173 5.06 -15.89 17.56
N THR A 174 4.03 -15.08 17.89
CA THR A 174 3.23 -14.47 16.84
C THR A 174 3.10 -12.96 17.02
N SER A 175 3.22 -12.50 18.27
CA SER A 175 3.08 -11.05 18.57
C SER A 175 4.27 -10.30 17.98
N GLY A 176 3.98 -9.18 17.32
CA GLY A 176 5.09 -8.37 16.81
C GLY A 176 5.73 -8.87 15.53
N VAL A 177 5.25 -9.97 14.93
CA VAL A 177 5.78 -10.48 13.65
C VAL A 177 5.26 -9.67 12.46
N HIS A 178 6.14 -9.30 11.51
CA HIS A 178 5.74 -8.74 10.24
C HIS A 178 6.44 -9.52 9.14
N THR A 179 5.65 -10.16 8.28
CA THR A 179 6.21 -10.88 7.13
C THR A 179 5.87 -10.09 5.88
N PHE A 180 6.89 -9.58 5.21
CA PHE A 180 6.65 -8.64 4.13
C PHE A 180 6.15 -9.34 2.88
N PRO A 181 5.41 -8.65 2.04
CA PRO A 181 5.11 -9.19 0.68
C PRO A 181 6.37 -9.45 -0.13
N ALA A 182 6.34 -10.53 -0.87
CA ALA A 182 7.42 -10.84 -1.79
C ALA A 182 7.68 -9.74 -2.80
N VAL A 183 8.94 -9.62 -3.20
CA VAL A 183 9.31 -8.83 -4.35
C VAL A 183 9.95 -9.72 -5.40
N LEU A 184 9.67 -9.41 -6.65
CA LEU A 184 10.29 -10.12 -7.77
C LEU A 184 11.60 -9.41 -8.07
N GLN A 185 12.70 -10.17 -8.00
CA GLN A 185 14.02 -9.61 -8.28
C GLN A 185 14.29 -9.62 -9.77
N SER A 186 15.33 -8.87 -10.18
CA SER A 186 15.71 -8.88 -11.59
C SER A 186 16.09 -10.27 -12.11
N SER A 187 16.49 -11.20 -11.22
CA SER A 187 16.83 -12.57 -11.57
C SER A 187 15.61 -13.41 -11.95
N GLY A 188 14.38 -12.92 -11.73
CA GLY A 188 13.18 -13.72 -11.92
C GLY A 188 12.79 -14.55 -10.71
N LEU A 189 13.53 -14.47 -9.61
CA LEU A 189 13.21 -15.18 -8.37
C LEU A 189 12.66 -14.18 -7.36
N TYR A 190 11.87 -14.67 -6.41
CA TYR A 190 11.24 -13.85 -5.38
C TYR A 190 12.07 -13.83 -4.12
N SER A 191 11.90 -12.77 -3.32
CA SER A 191 12.57 -12.69 -2.03
C SER A 191 11.64 -11.93 -1.08
N LEU A 192 11.72 -12.27 0.22
CA LEU A 192 11.05 -11.45 1.26
C LEU A 192 11.81 -11.62 2.56
N SER A 193 11.51 -10.77 3.56
CA SER A 193 11.96 -10.99 4.92
C SER A 193 10.76 -11.08 5.86
N SER A 194 11.01 -11.77 7.00
CA SER A 194 10.10 -11.77 8.13
C SER A 194 10.85 -11.26 9.34
N VAL A 195 10.24 -10.32 10.07
CA VAL A 195 10.90 -9.75 11.24
C VAL A 195 9.98 -9.87 12.44
N VAL A 196 10.57 -9.76 13.65
CA VAL A 196 9.78 -9.70 14.87
C VAL A 196 10.51 -8.80 15.86
N THR A 197 9.76 -8.09 16.69
CA THR A 197 10.36 -7.31 17.76
C THR A 197 10.10 -8.04 19.07
N VAL A 198 11.10 -8.03 19.94
CA VAL A 198 11.06 -8.82 21.18
C VAL A 198 11.79 -8.05 22.26
N PRO A 199 11.68 -8.42 23.53
CA PRO A 199 12.39 -7.65 24.54
C PRO A 199 13.88 -7.89 24.41
N SER A 200 14.66 -6.80 24.50
CA SER A 200 16.12 -6.95 24.40
C SER A 200 16.67 -7.83 25.50
N SER A 201 16.07 -7.80 26.70
CA SER A 201 16.53 -8.66 27.79
C SER A 201 16.40 -10.14 27.47
N SER A 202 15.61 -10.51 26.46
CA SER A 202 15.43 -11.91 26.11
C SER A 202 16.51 -12.44 25.17
N LEU A 203 17.40 -11.57 24.65
CA LEU A 203 18.34 -12.02 23.63
C LEU A 203 19.34 -13.03 24.17
N GLY A 204 19.84 -12.83 25.40
CA GLY A 204 20.77 -13.81 25.93
C GLY A 204 20.11 -15.10 26.35
N THR A 205 18.78 -15.08 26.54
CA THR A 205 18.01 -16.13 27.19
C THR A 205 17.21 -16.98 26.20
N GLN A 206 16.43 -16.34 25.35
CA GLN A 206 15.40 -16.99 24.55
C GLN A 206 15.94 -17.39 23.18
N THR A 207 15.58 -18.59 22.74
CA THR A 207 15.94 -19.08 21.42
C THR A 207 14.92 -18.59 20.40
N TYR A 208 15.39 -18.05 19.28
CA TYR A 208 14.51 -17.60 18.20
C TYR A 208 14.87 -18.35 16.92
N ILE A 209 13.88 -18.99 16.36
CA ILE A 209 14.06 -19.81 15.15
C ILE A 209 12.95 -19.43 14.19
N CYS A 210 13.28 -19.17 12.94
CA CYS A 210 12.25 -18.99 11.96
C CYS A 210 12.08 -20.29 11.19
N ASN A 211 10.83 -20.62 10.87
CA ASN A 211 10.47 -21.87 10.22
C ASN A 211 9.88 -21.50 8.88
N VAL A 212 10.53 -21.87 7.79
CA VAL A 212 10.17 -21.46 6.45
C VAL A 212 9.66 -22.67 5.69
N ASN A 213 8.53 -22.53 5.01
CA ASN A 213 7.96 -23.60 4.18
C ASN A 213 7.75 -23.09 2.76
N HIS A 214 8.23 -23.78 1.76
CA HIS A 214 7.93 -23.47 0.36
C HIS A 214 7.44 -24.77 -0.27
N LYS A 215 6.13 -24.92 -0.31
CA LYS A 215 5.51 -26.17 -0.75
C LYS A 215 5.88 -26.56 -2.17
N PRO A 216 5.98 -25.64 -3.13
CA PRO A 216 6.22 -26.08 -4.52
C PRO A 216 7.53 -26.85 -4.71
N SER A 217 8.56 -26.55 -3.91
CA SER A 217 9.84 -27.27 -3.98
C SER A 217 10.04 -28.23 -2.81
N ASN A 218 9.03 -28.40 -1.96
CA ASN A 218 9.08 -29.19 -0.72
CA ASN A 218 9.18 -29.28 -0.81
C ASN A 218 10.23 -28.77 0.18
N THR A 219 10.51 -27.48 0.19
CA THR A 219 11.56 -26.91 1.05
C THR A 219 11.01 -26.64 2.45
N LYS A 220 11.69 -27.16 3.47
CA LYS A 220 11.40 -26.83 4.88
C LYS A 220 12.71 -26.48 5.57
N VAL A 221 12.80 -25.30 6.17
CA VAL A 221 14.05 -24.85 6.78
C VAL A 221 13.77 -24.23 8.12
N ASP A 222 14.43 -24.68 9.16
CA ASP A 222 14.48 -23.96 10.45
C ASP A 222 15.82 -23.21 10.51
N LYS A 223 15.78 -21.91 10.79
CA LYS A 223 17.04 -21.18 10.90
C LYS A 223 17.08 -20.53 12.27
N ARG A 224 18.07 -20.84 13.06
CA ARG A 224 18.30 -20.17 14.34
C ARG A 224 18.87 -18.78 14.10
N VAL A 225 18.30 -17.80 14.79
CA VAL A 225 18.71 -16.39 14.64
C VAL A 225 19.39 -15.97 15.94
N GLU A 226 20.75 -15.86 15.91
CA GLU A 226 21.52 -15.58 17.14
C GLU A 226 22.05 -14.16 17.12
N PRO A 227 22.20 -13.54 18.29
CA PRO A 227 22.67 -12.14 18.37
C PRO A 227 24.08 -11.91 17.85
N LYS A 228 24.34 -10.65 17.48
CA LYS A 228 25.66 -10.18 17.10
C LYS A 228 26.02 -8.93 17.92
N SER A 229 27.26 -8.47 17.77
CA SER A 229 27.73 -7.31 18.52
C SER A 229 28.13 -6.14 17.62
N CYS A 230 27.14 -5.58 16.89
CA CYS A 230 27.41 -4.48 15.96
C CYS A 230 27.65 -3.15 16.66
N GLU B 1 -9.66 5.93 -26.98
CA GLU B 1 -9.75 5.11 -25.77
C GLU B 1 -10.00 6.02 -24.60
N ILE B 2 -10.99 5.70 -23.77
CA ILE B 2 -11.38 6.62 -22.71
C ILE B 2 -10.53 6.34 -21.48
N VAL B 3 -9.89 7.38 -20.95
CA VAL B 3 -9.06 7.30 -19.76
C VAL B 3 -9.85 7.85 -18.58
N LEU B 4 -9.93 7.06 -17.52
CA LEU B 4 -10.58 7.50 -16.29
C LEU B 4 -9.51 7.82 -15.26
N THR B 5 -9.57 9.02 -14.66
CA THR B 5 -8.60 9.48 -13.69
C THR B 5 -9.31 9.71 -12.36
N GLN B 6 -8.87 8.99 -11.35
CA GLN B 6 -9.43 9.06 -10.01
C GLN B 6 -8.59 10.00 -9.13
N SER B 7 -9.26 10.64 -8.16
CA SER B 7 -8.60 11.49 -7.17
C SER B 7 -9.45 11.44 -5.90
N PRO B 8 -8.83 11.63 -4.73
CA PRO B 8 -7.36 11.67 -4.56
C PRO B 8 -6.77 10.25 -4.66
N ALA B 9 -5.44 10.08 -4.60
CA ALA B 9 -4.88 8.73 -4.65
C ALA B 9 -5.15 7.97 -3.37
N THR B 10 -5.09 8.65 -2.23
CA THR B 10 -5.39 8.08 -0.93
C THR B 10 -6.27 9.05 -0.15
N LEU B 11 -7.25 8.54 0.53
CA LEU B 11 -8.09 9.33 1.45
C LEU B 11 -7.91 8.70 2.82
N SER B 12 -7.61 9.47 3.85
CA SER B 12 -7.32 8.98 5.21
C SER B 12 -8.41 9.53 6.13
N LEU B 13 -9.34 8.66 6.57
CA LEU B 13 -10.53 9.08 7.29
C LEU B 13 -10.82 8.16 8.46
N SER B 14 -11.80 8.54 9.28
CA SER B 14 -12.27 7.76 10.43
C SER B 14 -13.70 7.32 10.22
N PRO B 15 -14.10 6.20 10.82
CA PRO B 15 -15.52 5.81 10.78
C PRO B 15 -16.44 6.94 11.23
N GLY B 16 -17.53 7.06 10.51
CA GLY B 16 -18.54 8.08 10.76
C GLY B 16 -18.46 9.23 9.77
N GLU B 17 -17.25 9.49 9.26
CA GLU B 17 -17.05 10.65 8.44
C GLU B 17 -17.56 10.39 7.04
N ARG B 18 -17.84 11.46 6.32
CA ARG B 18 -18.21 11.40 4.92
C ARG B 18 -16.97 11.28 4.03
N ALA B 19 -17.01 10.36 3.08
CA ALA B 19 -15.93 10.16 2.11
C ALA B 19 -16.45 10.55 0.72
N THR B 20 -15.67 11.36 0.00
CA THR B 20 -16.02 11.82 -1.34
C THR B 20 -14.89 11.43 -2.30
N LEU B 21 -15.22 10.63 -3.29
CA LEU B 21 -14.23 10.11 -4.25
C LEU B 21 -14.62 10.60 -5.63
N SER B 22 -13.62 10.98 -6.44
CA SER B 22 -13.86 11.58 -7.75
C SER B 22 -13.30 10.73 -8.88
N CYS B 23 -13.99 10.77 -10.02
CA CYS B 23 -13.56 10.09 -11.23
C CYS B 23 -13.85 11.01 -12.41
N ARG B 24 -12.82 11.29 -13.22
CA ARG B 24 -12.94 12.20 -14.34
C ARG B 24 -12.60 11.44 -15.61
N ALA B 25 -13.46 11.52 -16.63
CA ALA B 25 -13.21 10.82 -17.87
C ALA B 25 -12.61 11.78 -18.88
N SER B 26 -11.82 11.22 -19.80
CA SER B 26 -11.14 12.04 -20.80
C SER B 26 -12.10 12.57 -21.85
N GLN B 27 -13.21 11.86 -22.10
CA GLN B 27 -14.29 12.39 -22.91
C GLN B 27 -15.59 11.84 -22.31
N SER B 28 -16.71 12.40 -22.77
CA SER B 28 -17.97 12.06 -22.14
C SER B 28 -18.24 10.55 -22.19
N VAL B 29 -18.73 10.02 -21.08
CA VAL B 29 -19.22 8.64 -21.02
C VAL B 29 -20.72 8.61 -20.75
N SER B 30 -21.44 9.72 -21.00
CA SER B 30 -22.85 9.85 -20.65
C SER B 30 -23.06 9.46 -19.20
N SER B 31 -23.95 8.50 -18.94
CA SER B 31 -24.10 7.96 -17.61
C SER B 31 -23.56 6.54 -17.45
N TYR B 32 -22.71 6.08 -18.37
CA TYR B 32 -22.34 4.65 -18.39
C TYR B 32 -21.10 4.39 -17.53
N LEU B 33 -21.25 4.62 -16.23
CA LEU B 33 -20.17 4.57 -15.26
C LEU B 33 -20.57 3.72 -14.07
N ALA B 34 -19.64 2.92 -13.57
CA ALA B 34 -19.82 2.11 -12.35
C ALA B 34 -18.69 2.32 -11.37
N TRP B 35 -18.96 2.01 -10.12
CA TRP B 35 -17.98 2.05 -9.04
C TRP B 35 -17.87 0.68 -8.42
N TYR B 36 -16.62 0.27 -8.12
CA TYR B 36 -16.35 -1.00 -7.46
C TYR B 36 -15.50 -0.81 -6.21
N GLN B 37 -15.66 -1.69 -5.23
CA GLN B 37 -14.81 -1.79 -4.04
C GLN B 37 -13.97 -3.05 -4.13
N GLN B 38 -12.71 -3.01 -3.72
CA GLN B 38 -11.87 -4.20 -3.68
C GLN B 38 -11.00 -4.21 -2.45
N LYS B 39 -10.98 -5.27 -1.70
CA LYS B 39 -10.14 -5.48 -0.51
C LYS B 39 -9.01 -6.42 -0.87
N PRO B 40 -7.90 -6.38 -0.11
CA PRO B 40 -6.74 -7.20 -0.48
C PRO B 40 -7.06 -8.67 -0.55
N GLY B 41 -6.60 -9.30 -1.61
CA GLY B 41 -6.81 -10.71 -1.83
C GLY B 41 -8.20 -11.10 -2.32
N GLN B 42 -9.11 -10.15 -2.49
CA GLN B 42 -10.48 -10.48 -2.83
C GLN B 42 -10.85 -9.92 -4.20
N ALA B 43 -11.93 -10.44 -4.77
CA ALA B 43 -12.42 -9.91 -6.02
C ALA B 43 -13.10 -8.55 -5.79
N PRO B 44 -13.17 -7.70 -6.82
CA PRO B 44 -13.98 -6.47 -6.71
C PRO B 44 -15.46 -6.78 -6.52
N ARG B 45 -16.16 -5.76 -6.02
CA ARG B 45 -17.58 -5.80 -5.71
C ARG B 45 -18.24 -4.62 -6.41
N LEU B 46 -19.31 -4.82 -7.19
CA LEU B 46 -20.00 -3.71 -7.83
C LEU B 46 -20.86 -2.95 -6.80
N LEU B 47 -20.68 -1.64 -6.74
CA LEU B 47 -21.44 -0.79 -5.79
C LEU B 47 -22.56 -0.01 -6.48
N ILE B 48 -22.20 0.71 -7.55
CA ILE B 48 -23.05 1.68 -8.23
C ILE B 48 -22.89 1.45 -9.72
N PHE B 49 -23.96 1.51 -10.49
CA PHE B 49 -23.85 1.44 -11.95
C PHE B 49 -24.76 2.48 -12.58
N ASP B 50 -24.52 2.77 -13.87
CA ASP B 50 -25.25 3.83 -14.58
C ASP B 50 -25.16 5.13 -13.77
N ALA B 51 -23.98 5.35 -13.20
CA ALA B 51 -23.61 6.56 -12.45
C ALA B 51 -24.24 6.68 -11.06
N SER B 52 -25.51 6.27 -10.91
CA SER B 52 -26.22 6.57 -9.69
C SER B 52 -27.12 5.47 -9.15
N ILE B 53 -27.17 4.29 -9.78
CA ILE B 53 -28.07 3.22 -9.35
C ILE B 53 -27.28 2.29 -8.43
N ARG B 54 -27.76 2.10 -7.22
CA ARG B 54 -27.14 1.21 -6.27
C ARG B 54 -27.41 -0.24 -6.65
N ALA B 55 -26.37 -1.05 -6.63
CA ALA B 55 -26.51 -2.48 -6.84
C ALA B 55 -27.26 -3.13 -5.68
N THR B 56 -27.93 -4.24 -5.98
CA THR B 56 -28.62 -4.99 -4.93
C THR B 56 -27.63 -5.34 -3.83
N GLY B 57 -28.08 -5.21 -2.58
CA GLY B 57 -27.25 -5.63 -1.46
C GLY B 57 -26.21 -4.62 -1.04
N ILE B 58 -26.20 -3.45 -1.64
CA ILE B 58 -25.24 -2.40 -1.29
C ILE B 58 -25.90 -1.46 -0.30
N PRO B 59 -25.23 -1.12 0.82
CA PRO B 59 -25.86 -0.22 1.82
C PRO B 59 -26.17 1.14 1.23
N ALA B 60 -27.19 1.76 1.82
CA ALA B 60 -27.69 3.06 1.37
C ALA B 60 -26.68 4.21 1.59
N ARG B 61 -25.65 4.01 2.43
CA ARG B 61 -24.67 5.06 2.65
C ARG B 61 -23.84 5.31 1.40
N PHE B 62 -23.84 4.35 0.44
CA PHE B 62 -23.15 4.55 -0.83
C PHE B 62 -24.09 5.23 -1.84
N SER B 63 -23.62 6.30 -2.46
CA SER B 63 -24.34 6.98 -3.52
C SER B 63 -23.38 7.47 -4.60
N GLY B 64 -23.87 7.50 -5.83
CA GLY B 64 -23.09 7.95 -6.95
C GLY B 64 -23.83 9.08 -7.64
N SER B 65 -23.07 10.03 -8.18
CA SER B 65 -23.65 11.12 -8.93
C SER B 65 -22.73 11.50 -10.08
N GLY B 66 -23.24 12.34 -10.96
CA GLY B 66 -22.46 12.86 -12.06
C GLY B 66 -22.97 12.37 -13.41
N SER B 67 -22.38 12.95 -14.45
CA SER B 67 -22.67 12.59 -15.83
C SER B 67 -21.62 13.25 -16.72
N GLY B 68 -21.46 12.71 -17.92
CA GLY B 68 -20.57 13.33 -18.88
C GLY B 68 -19.15 12.96 -18.56
N THR B 69 -18.38 13.88 -17.95
CA THR B 69 -16.99 13.63 -17.60
C THR B 69 -16.67 13.63 -16.12
N ASP B 70 -17.54 14.10 -15.24
CA ASP B 70 -17.22 14.22 -13.81
C ASP B 70 -18.20 13.43 -12.96
N PHE B 71 -17.66 12.51 -12.16
CA PHE B 71 -18.44 11.60 -11.35
C PHE B 71 -17.93 11.56 -9.92
N THR B 72 -18.83 11.28 -8.98
CA THR B 72 -18.50 11.27 -7.56
C THR B 72 -19.16 10.06 -6.92
N LEU B 73 -18.41 9.34 -6.09
CA LEU B 73 -18.93 8.34 -5.18
C LEU B 73 -18.85 8.98 -3.79
N THR B 74 -19.94 8.94 -3.05
CA THR B 74 -19.98 9.47 -1.69
C THR B 74 -20.35 8.34 -0.76
N ILE B 75 -19.66 8.22 0.36
CA ILE B 75 -20.04 7.33 1.45
C ILE B 75 -20.45 8.26 2.58
N SER B 76 -21.74 8.30 2.95
CA SER B 76 -22.19 9.40 3.80
C SER B 76 -21.64 9.27 5.23
N SER B 77 -21.50 8.04 5.75
CA SER B 77 -20.91 7.74 7.05
C SER B 77 -20.03 6.51 6.84
N LEU B 78 -18.71 6.66 6.82
CA LEU B 78 -17.80 5.53 6.57
C LEU B 78 -17.95 4.53 7.71
N GLU B 79 -17.91 3.25 7.36
CA GLU B 79 -17.87 2.23 8.41
C GLU B 79 -16.65 1.31 8.21
N PRO B 80 -16.28 0.54 9.24
CA PRO B 80 -15.00 -0.22 9.16
C PRO B 80 -14.88 -1.11 7.96
N GLU B 81 -15.97 -1.68 7.50
CA GLU B 81 -15.85 -2.54 6.35
C GLU B 81 -15.69 -1.78 5.04
N ASP B 82 -15.61 -0.43 5.05
CA ASP B 82 -15.48 0.34 3.82
C ASP B 82 -14.04 0.67 3.49
N PHE B 83 -13.11 0.44 4.42
CA PHE B 83 -11.70 0.71 4.09
C PHE B 83 -11.21 -0.32 3.06
N ALA B 84 -10.81 0.16 1.88
CA ALA B 84 -10.64 -0.65 0.69
C ALA B 84 -10.13 0.23 -0.43
N VAL B 85 -9.87 -0.31 -1.59
CA VAL B 85 -9.60 0.43 -2.80
C VAL B 85 -10.90 0.54 -3.60
N TYR B 86 -11.15 1.70 -4.21
CA TYR B 86 -12.32 1.95 -5.03
C TYR B 86 -11.90 2.25 -6.45
N TYR B 87 -12.57 1.63 -7.43
CA TYR B 87 -12.30 1.90 -8.84
C TYR B 87 -13.57 2.34 -9.53
N CYS B 88 -13.42 3.26 -10.48
CA CYS B 88 -14.50 3.51 -11.44
C CYS B 88 -14.27 2.77 -12.75
N GLN B 89 -15.34 2.60 -13.52
CA GLN B 89 -15.27 1.84 -14.77
C GLN B 89 -16.32 2.42 -15.72
N GLN B 90 -16.00 2.50 -17.01
CA GLN B 90 -16.97 2.98 -18.00
C GLN B 90 -17.24 1.89 -19.02
N ARG B 91 -18.45 1.94 -19.60
CA ARG B 91 -18.84 1.03 -20.69
C ARG B 91 -19.49 1.80 -21.86
N SER B 92 -19.13 3.08 -22.00
CA SER B 92 -19.54 3.85 -23.16
C SER B 92 -18.75 3.44 -24.42
N ASN B 93 -17.45 3.23 -24.29
CA ASN B 93 -16.60 2.89 -25.44
C ASN B 93 -15.61 1.85 -24.96
N TRP B 94 -15.82 0.59 -25.37
CA TRP B 94 -15.04 -0.53 -24.82
C TRP B 94 -15.23 -0.54 -23.29
N TYR B 95 -14.21 -0.94 -22.52
CA TYR B 95 -14.35 -1.17 -21.09
C TYR B 95 -13.06 -0.74 -20.43
N THR B 96 -13.06 0.39 -19.72
CA THR B 96 -11.84 0.83 -19.02
C THR B 96 -12.14 1.19 -17.58
N PHE B 97 -11.08 1.15 -16.76
CA PHE B 97 -11.11 1.41 -15.32
C PHE B 97 -10.16 2.54 -14.96
N GLY B 98 -10.54 3.29 -13.91
CA GLY B 98 -9.61 4.21 -13.26
C GLY B 98 -8.53 3.43 -12.53
N GLN B 99 -7.54 4.17 -12.01
CA GLN B 99 -6.35 3.62 -11.37
CA GLN B 99 -6.41 3.46 -11.39
C GLN B 99 -6.55 3.30 -9.88
N GLY B 100 -7.68 3.72 -9.29
CA GLY B 100 -8.01 3.41 -7.91
C GLY B 100 -7.77 4.57 -6.95
N THR B 101 -8.58 4.63 -5.92
CA THR B 101 -8.37 5.48 -4.74
C THR B 101 -8.39 4.56 -3.53
N LYS B 102 -7.36 4.66 -2.67
CA LYS B 102 -7.33 3.88 -1.45
C LYS B 102 -7.99 4.66 -0.34
N LEU B 103 -8.94 4.07 0.36
CA LEU B 103 -9.56 4.70 1.52
C LEU B 103 -8.93 4.02 2.71
N GLU B 104 -8.05 4.72 3.45
CA GLU B 104 -7.32 4.11 4.57
C GLU B 104 -7.80 4.68 5.90
N ILE B 105 -7.48 3.97 6.99
CA ILE B 105 -7.91 4.37 8.33
C ILE B 105 -6.92 5.42 8.82
N LYS B 106 -7.41 6.59 9.22
CA LYS B 106 -6.54 7.55 9.86
C LYS B 106 -6.25 7.17 11.31
N ARG B 107 -5.05 7.50 11.75
CA ARG B 107 -4.69 7.38 13.16
C ARG B 107 -3.69 8.50 13.45
N THR B 108 -3.22 8.52 14.70
CA THR B 108 -2.20 9.50 15.06
C THR B 108 -0.82 9.15 14.46
N VAL B 109 0.05 10.15 14.41
CA VAL B 109 1.39 10.00 13.86
C VAL B 109 2.20 9.12 14.78
N ALA B 110 2.93 8.15 14.16
CA ALA B 110 3.91 7.34 14.86
C ALA B 110 5.17 7.28 14.01
N ALA B 111 6.28 7.82 14.51
CA ALA B 111 7.51 7.74 13.73
C ALA B 111 8.00 6.28 13.70
N PRO B 112 8.69 5.89 12.65
CA PRO B 112 9.20 4.51 12.60
C PRO B 112 10.33 4.30 13.58
N SER B 113 10.38 3.12 14.20
CA SER B 113 11.62 2.64 14.81
C SER B 113 12.46 2.03 13.68
N VAL B 114 13.76 2.31 13.69
CA VAL B 114 14.66 1.95 12.56
C VAL B 114 15.67 0.93 13.02
N PHE B 115 15.85 -0.12 12.22
CA PHE B 115 16.79 -1.19 12.54
C PHE B 115 17.57 -1.60 11.29
N ILE B 116 18.87 -1.86 11.45
CA ILE B 116 19.73 -2.33 10.36
C ILE B 116 20.29 -3.72 10.70
N PHE B 117 20.37 -4.55 9.65
CA PHE B 117 20.91 -5.91 9.79
C PHE B 117 22.00 -6.14 8.75
N PRO B 118 23.14 -6.65 9.16
CA PRO B 118 24.21 -6.96 8.22
C PRO B 118 23.93 -8.27 7.47
N PRO B 119 24.62 -8.50 6.36
CA PRO B 119 24.54 -9.82 5.77
C PRO B 119 25.12 -10.85 6.72
N SER B 120 24.55 -12.05 6.65
CA SER B 120 25.09 -13.18 7.40
C SER B 120 26.37 -13.76 6.79
N ASP B 121 27.20 -14.37 7.64
CA ASP B 121 28.38 -15.03 7.10
C ASP B 121 28.03 -16.14 6.10
N GLU B 122 26.92 -16.84 6.34
CA GLU B 122 26.49 -17.90 5.43
C GLU B 122 26.24 -17.34 4.04
N GLN B 123 25.54 -16.22 3.96
CA GLN B 123 25.25 -15.66 2.66
C GLN B 123 26.53 -15.21 1.98
N LEU B 124 27.43 -14.57 2.73
CA LEU B 124 28.66 -14.01 2.15
C LEU B 124 29.49 -15.10 1.51
N LYS B 125 29.60 -16.25 2.18
CA LYS B 125 30.42 -17.33 1.67
C LYS B 125 29.91 -17.76 0.29
N SER B 126 28.64 -17.51 0.00
CA SER B 126 27.98 -17.92 -1.24
C SER B 126 28.05 -16.90 -2.39
N GLY B 127 28.61 -15.69 -2.22
CA GLY B 127 28.75 -14.76 -3.35
C GLY B 127 27.95 -13.45 -3.30
N THR B 128 26.97 -13.32 -2.41
CA THR B 128 26.12 -12.12 -2.38
C THR B 128 26.00 -11.61 -0.97
N ALA B 129 25.70 -10.31 -0.88
CA ALA B 129 25.51 -9.65 0.41
C ALA B 129 24.20 -8.88 0.33
N SER B 130 23.24 -9.21 1.19
CA SER B 130 22.03 -8.42 1.32
C SER B 130 22.10 -7.71 2.65
N VAL B 131 21.84 -6.41 2.64
CA VAL B 131 21.80 -5.57 3.86
C VAL B 131 20.35 -5.10 4.00
N VAL B 132 19.74 -5.24 5.21
CA VAL B 132 18.30 -4.97 5.35
C VAL B 132 18.12 -3.84 6.35
N CYS B 133 17.23 -2.93 6.00
CA CYS B 133 16.82 -1.83 6.90
C CYS B 133 15.33 -1.97 7.12
N LEU B 134 14.92 -1.94 8.39
CA LEU B 134 13.52 -2.09 8.76
C LEU B 134 13.00 -0.79 9.39
N LEU B 135 11.83 -0.32 8.91
CA LEU B 135 11.11 0.84 9.48
C LEU B 135 9.86 0.25 10.08
N ASN B 136 9.78 0.25 11.40
CA ASN B 136 8.71 -0.51 12.06
C ASN B 136 7.61 0.38 12.62
N ASN B 137 6.37 0.00 12.33
CA ASN B 137 5.16 0.50 13.02
C ASN B 137 5.01 2.02 12.92
N PHE B 138 4.89 2.52 11.71
CA PHE B 138 4.85 3.97 11.52
C PHE B 138 3.55 4.39 10.84
N TYR B 139 3.23 5.69 10.97
CA TYR B 139 2.08 6.28 10.27
C TYR B 139 2.28 7.79 10.27
N PRO B 140 1.96 8.49 9.18
CA PRO B 140 1.41 8.06 7.91
C PRO B 140 2.43 7.27 7.07
N ARG B 141 1.97 6.86 5.88
CA ARG B 141 2.74 5.93 5.05
C ARG B 141 4.01 6.56 4.46
N GLU B 142 4.05 7.89 4.23
CA GLU B 142 5.15 8.43 3.42
C GLU B 142 6.44 8.41 4.21
N ALA B 143 7.53 7.93 3.59
CA ALA B 143 8.80 7.77 4.27
C ALA B 143 9.86 7.73 3.20
N LYS B 144 11.08 8.09 3.57
CA LYS B 144 12.21 7.98 2.64
C LYS B 144 13.34 7.21 3.30
N VAL B 145 13.92 6.23 2.56
CA VAL B 145 15.09 5.48 3.01
C VAL B 145 16.22 5.76 2.04
N GLN B 146 17.38 6.14 2.58
CA GLN B 146 18.58 6.36 1.76
C GLN B 146 19.66 5.42 2.28
N TRP B 147 20.34 4.69 1.38
CA TRP B 147 21.47 3.87 1.80
C TRP B 147 22.77 4.62 1.54
N LYS B 148 23.73 4.48 2.46
CA LYS B 148 25.07 5.06 2.30
C LYS B 148 26.11 4.01 2.62
N VAL B 149 27.13 3.89 1.76
CA VAL B 149 28.19 2.91 1.94
C VAL B 149 29.46 3.72 1.98
N ASP B 150 30.19 3.68 3.10
CA ASP B 150 31.34 4.61 3.30
C ASP B 150 30.96 6.05 2.93
N ASN B 151 29.76 6.47 3.33
CA ASN B 151 29.20 7.81 3.15
C ASN B 151 28.75 8.14 1.72
N ALA B 152 28.85 7.20 0.77
CA ALA B 152 28.42 7.46 -0.58
C ALA B 152 26.98 7.01 -0.75
N LEU B 153 26.12 7.92 -1.22
CA LEU B 153 24.72 7.60 -1.45
C LEU B 153 24.56 6.55 -2.55
N GLN B 154 23.76 5.54 -2.26
CA GLN B 154 23.50 4.45 -3.20
C GLN B 154 22.27 4.74 -4.05
N SER B 155 22.30 4.26 -5.29
CA SER B 155 21.12 4.36 -6.13
C SER B 155 21.03 3.12 -7.01
N GLY B 156 19.81 2.59 -7.15
CA GLY B 156 19.51 1.56 -8.13
C GLY B 156 19.70 0.14 -7.65
N ASN B 157 20.19 -0.05 -6.42
CA ASN B 157 20.58 -1.37 -5.93
C ASN B 157 19.79 -1.74 -4.69
N SER B 158 18.59 -1.17 -4.53
CA SER B 158 17.76 -1.51 -3.38
C SER B 158 16.31 -1.73 -3.82
N GLN B 159 15.58 -2.55 -3.04
CA GLN B 159 14.14 -2.77 -3.29
C GLN B 159 13.39 -2.68 -1.97
N GLU B 160 12.20 -2.08 -1.99
CA GLU B 160 11.38 -1.92 -0.79
C GLU B 160 10.16 -2.82 -0.83
N SER B 161 9.68 -3.15 0.36
CA SER B 161 8.41 -3.86 0.51
C SER B 161 7.69 -3.24 1.71
N VAL B 162 6.37 -3.20 1.65
CA VAL B 162 5.58 -2.54 2.70
C VAL B 162 4.42 -3.44 3.05
N THR B 163 4.12 -3.51 4.35
CA THR B 163 2.93 -4.23 4.75
C THR B 163 1.65 -3.43 4.50
N GLU B 164 0.51 -4.11 4.62
CA GLU B 164 -0.78 -3.41 4.73
C GLU B 164 -0.95 -2.82 6.13
N GLN B 165 -1.89 -1.88 6.31
CA GLN B 165 -2.13 -1.35 7.67
C GLN B 165 -2.40 -2.48 8.63
N ASP B 166 -1.76 -2.43 9.80
CA ASP B 166 -1.92 -3.50 10.79
C ASP B 166 -3.34 -3.51 11.34
N SER B 167 -3.91 -4.72 11.53
CA SER B 167 -5.32 -4.80 11.89
C SER B 167 -5.59 -4.20 13.26
N LYS B 168 -4.64 -4.29 14.17
CA LYS B 168 -4.89 -3.77 15.52
C LYS B 168 -4.50 -2.30 15.66
N ASP B 169 -3.36 -1.87 15.10
CA ASP B 169 -2.82 -0.53 15.38
C ASP B 169 -2.80 0.39 14.17
N SER B 170 -3.16 -0.07 12.98
CA SER B 170 -3.32 0.74 11.78
C SER B 170 -1.98 1.32 11.28
N THR B 171 -0.83 0.79 11.73
CA THR B 171 0.46 1.30 11.25
C THR B 171 0.95 0.47 10.06
N TYR B 172 1.99 0.98 9.39
CA TYR B 172 2.72 0.29 8.35
C TYR B 172 4.09 -0.11 8.85
N SER B 173 4.67 -1.15 8.23
CA SER B 173 6.10 -1.42 8.35
C SER B 173 6.70 -1.58 6.96
N LEU B 174 8.00 -1.32 6.84
CA LEU B 174 8.60 -1.30 5.51
C LEU B 174 10.01 -1.86 5.62
N SER B 175 10.43 -2.66 4.63
CA SER B 175 11.82 -3.10 4.56
C SER B 175 12.44 -2.46 3.33
N SER B 176 13.75 -2.19 3.43
CA SER B 176 14.54 -1.82 2.25
C SER B 176 15.75 -2.75 2.25
N THR B 177 15.99 -3.41 1.13
CA THR B 177 17.05 -4.39 0.99
C THR B 177 18.04 -3.91 -0.05
N LEU B 178 19.29 -3.72 0.37
CA LEU B 178 20.42 -3.33 -0.48
C LEU B 178 21.16 -4.60 -0.88
N THR B 179 21.32 -4.79 -2.19
CA THR B 179 21.97 -6.00 -2.69
C THR B 179 23.29 -5.63 -3.38
N LEU B 180 24.37 -6.21 -2.89
CA LEU B 180 25.72 -6.01 -3.45
C LEU B 180 26.38 -7.35 -3.72
N SER B 181 27.34 -7.39 -4.66
CA SER B 181 28.15 -8.59 -4.76
C SER B 181 29.01 -8.72 -3.50
N LYS B 182 29.38 -9.96 -3.15
CA LYS B 182 30.30 -10.15 -2.04
C LYS B 182 31.57 -9.32 -2.22
N ALA B 183 32.14 -9.33 -3.43
CA ALA B 183 33.36 -8.60 -3.65
C ALA B 183 33.19 -7.13 -3.38
N ASP B 184 32.07 -6.56 -3.81
CA ASP B 184 31.84 -5.15 -3.52
C ASP B 184 31.64 -4.94 -2.03
N TYR B 185 30.83 -5.77 -1.38
CA TYR B 185 30.60 -5.63 0.05
C TYR B 185 31.91 -5.60 0.83
N GLU B 186 32.86 -6.43 0.43
CA GLU B 186 34.11 -6.55 1.15
C GLU B 186 35.09 -5.41 0.91
N LYS B 187 34.75 -4.49 0.00
CA LYS B 187 35.55 -3.29 -0.30
C LYS B 187 35.26 -2.12 0.62
N HIS B 188 34.21 -2.21 1.46
CA HIS B 188 33.75 -1.05 2.21
C HIS B 188 33.57 -1.41 3.68
N LYS B 189 33.55 -0.38 4.53
CA LYS B 189 33.46 -0.54 5.99
C LYS B 189 32.08 -0.19 6.52
N VAL B 190 31.61 1.03 6.29
CA VAL B 190 30.46 1.56 7.02
C VAL B 190 29.23 1.42 6.14
N TYR B 191 28.19 0.73 6.65
CA TYR B 191 26.94 0.54 5.94
C TYR B 191 25.83 1.22 6.73
N ALA B 192 25.12 2.15 6.09
CA ALA B 192 24.17 2.99 6.85
C ALA B 192 22.86 3.11 6.10
N CYS B 193 21.77 3.08 6.87
CA CYS B 193 20.48 3.47 6.32
CA CYS B 193 20.43 3.38 6.41
C CYS B 193 19.94 4.68 7.08
N GLU B 194 19.46 5.63 6.27
CA GLU B 194 19.05 6.95 6.78
C GLU B 194 17.57 7.08 6.44
N VAL B 195 16.74 7.36 7.47
CA VAL B 195 15.29 7.37 7.35
C VAL B 195 14.72 8.74 7.67
N THR B 196 13.85 9.24 6.79
CA THR B 196 13.07 10.42 7.17
C THR B 196 11.58 10.07 7.11
N HIS B 197 10.79 10.79 7.91
CA HIS B 197 9.35 10.60 8.05
C HIS B 197 8.83 11.87 8.73
N GLN B 198 7.57 12.24 8.45
CA GLN B 198 7.09 13.50 9.06
C GLN B 198 7.07 13.47 10.58
N GLY B 199 7.06 12.32 11.23
CA GLY B 199 7.14 12.26 12.69
C GLY B 199 8.51 12.40 13.30
N LEU B 200 9.55 12.52 12.45
CA LEU B 200 10.95 12.60 12.89
C LEU B 200 11.49 14.01 12.70
N SER B 201 11.96 14.65 13.78
CA SER B 201 12.47 16.01 13.60
C SER B 201 13.76 16.01 12.76
N SER B 202 14.65 15.05 13.00
CA SER B 202 15.87 14.88 12.26
C SER B 202 15.83 13.49 11.61
N PRO B 203 16.57 13.28 10.53
CA PRO B 203 16.65 11.91 9.97
C PRO B 203 17.30 10.99 10.97
N VAL B 204 16.87 9.73 10.95
CA VAL B 204 17.42 8.69 11.83
C VAL B 204 18.35 7.79 11.01
N THR B 205 19.61 7.69 11.38
CA THR B 205 20.54 6.78 10.72
C THR B 205 20.94 5.66 11.67
N LYS B 206 20.91 4.42 11.13
CA LYS B 206 21.53 3.28 11.81
C LYS B 206 22.63 2.73 10.89
N SER B 207 23.75 2.34 11.47
CA SER B 207 24.86 1.84 10.64
C SER B 207 25.63 0.79 11.41
N PHE B 208 26.38 -0.02 10.66
CA PHE B 208 27.35 -0.92 11.27
C PHE B 208 28.64 -0.86 10.48
N ASN B 209 29.70 -1.38 11.10
CA ASN B 209 30.98 -1.53 10.43
C ASN B 209 31.17 -3.00 10.06
N ARG B 210 31.46 -3.25 8.79
CA ARG B 210 31.65 -4.64 8.35
C ARG B 210 32.69 -5.37 9.20
N GLY B 211 32.33 -6.56 9.65
CA GLY B 211 33.30 -7.36 10.36
C GLY B 211 33.43 -7.05 11.83
N GLU B 212 32.67 -6.07 12.35
CA GLU B 212 32.67 -5.79 13.78
C GLU B 212 31.43 -6.34 14.48
N CYS B 213 30.50 -6.90 13.72
CA CYS B 213 29.37 -7.63 14.28
C CYS B 213 29.81 -9.05 14.67
N UNK C 1 17.46 30.33 2.28
CA UNK C 1 16.57 30.98 1.31
C UNK C 1 15.24 31.42 1.97
N VAL C 2 14.78 30.65 2.94
CA VAL C 2 13.50 30.91 3.56
C VAL C 2 13.72 31.07 5.06
N GLN C 3 12.97 31.98 5.67
CA GLN C 3 13.04 32.22 7.10
C GLN C 3 11.66 31.98 7.72
N LEU C 4 11.61 31.38 8.90
CA LEU C 4 10.34 31.07 9.58
C LEU C 4 10.32 31.85 10.90
N UNK C 5 9.27 32.64 11.13
CA UNK C 5 9.17 33.48 12.32
C UNK C 5 7.93 33.04 13.08
N UNK C 6 8.12 32.62 14.33
CA UNK C 6 7.01 32.16 15.16
C UNK C 6 6.58 33.25 16.13
N SER C 7 5.30 33.19 16.49
CA SER C 7 4.75 34.10 17.48
C SER C 7 3.55 33.44 18.13
N GLY C 8 2.97 34.12 19.12
CA GLY C 8 1.73 33.67 19.74
C GLY C 8 1.87 32.93 21.06
N GLY C 9 3.06 32.71 21.56
CA GLY C 9 3.25 31.94 22.78
C GLY C 9 3.04 32.80 23.99
N GLY C 10 3.40 32.26 25.12
CA GLY C 10 3.42 33.01 26.36
C GLY C 10 2.80 32.21 27.48
N UNK C 11 2.41 32.92 28.54
CA UNK C 11 1.87 32.35 29.77
C UNK C 11 0.35 32.19 29.70
N VAL C 12 -0.12 31.01 30.00
CA VAL C 12 -1.56 30.74 29.96
C VAL C 12 -1.94 29.86 31.13
N GLN C 13 -3.16 30.03 31.63
CA GLN C 13 -3.59 29.23 32.75
C GLN C 13 -4.02 27.84 32.27
N UNK C 14 -3.96 26.84 33.15
CA UNK C 14 -4.48 25.52 32.79
C UNK C 14 -5.92 25.62 32.35
N GLY C 15 -6.21 24.94 31.25
CA GLY C 15 -7.52 24.94 30.64
C GLY C 15 -7.68 26.03 29.58
N UNK C 16 -6.73 26.96 29.49
CA UNK C 16 -6.82 28.08 28.57
C UNK C 16 -6.42 27.70 27.17
N SER C 17 -6.42 28.70 26.32
CA SER C 17 -6.20 28.61 24.88
C SER C 17 -5.19 29.64 24.40
N LEU C 18 -4.39 29.24 23.42
CA LEU C 18 -3.50 30.12 22.68
C LEU C 18 -3.51 29.72 21.22
N UNK C 19 -3.02 30.58 20.34
CA UNK C 19 -2.78 30.22 18.95
C UNK C 19 -1.38 30.66 18.55
N LEU C 20 -0.58 29.69 18.12
CA LEU C 20 0.77 29.99 17.61
C LEU C 20 0.70 30.23 16.11
N SER C 21 1.59 31.08 15.62
CA SER C 21 1.69 31.38 14.20
C SER C 21 3.13 31.10 13.76
N CYS C 22 3.27 30.68 12.49
CA CYS C 22 4.59 30.54 11.86
C CYS C 22 4.51 31.17 10.48
N UNK C 23 5.20 32.31 10.34
CA UNK C 23 5.14 33.11 9.11
C UNK C 23 6.40 32.87 8.29
N ALA C 24 6.26 32.47 7.03
CA ALA C 24 7.43 32.18 6.21
C ALA C 24 7.75 33.36 5.30
N UNK C 25 9.04 33.67 5.14
CA UNK C 25 9.47 34.71 4.24
C UNK C 25 10.53 34.15 3.31
N UNK C 26 10.55 34.67 2.09
CA UNK C 26 11.62 34.39 1.19
C UNK C 26 11.28 33.37 0.13
N UNK C 27 10.41 32.41 0.48
CA UNK C 27 9.87 31.43 -0.46
C UNK C 27 8.40 31.20 -0.13
N UNK C 28 7.62 30.94 -1.18
CA UNK C 28 6.20 30.59 -1.02
C UNK C 28 6.08 29.17 -0.48
N UNK C 29 5.21 28.96 0.51
CA UNK C 29 5.14 27.66 1.21
C UNK C 29 3.84 26.91 0.94
N UNK C 30 2.98 27.40 0.05
CA UNK C 30 1.69 26.75 -0.15
C UNK C 30 1.84 25.31 -0.67
N UNK C 31 2.93 25.01 -1.38
CA UNK C 31 3.11 23.66 -1.93
C UNK C 31 3.69 22.67 -0.94
N UNK C 32 4.03 23.06 0.28
CA UNK C 32 4.76 22.23 1.24
C UNK C 32 3.96 22.02 2.51
N UNK C 33 4.04 20.84 3.08
CA UNK C 33 3.55 20.64 4.45
C UNK C 33 4.40 21.44 5.43
N UNK C 34 3.74 21.83 6.52
CA UNK C 34 4.39 22.53 7.62
C UNK C 34 4.05 21.84 8.90
N UNK C 35 5.04 21.60 9.74
CA UNK C 35 4.89 20.81 10.94
C UNK C 35 5.23 21.61 12.18
N TRP C 36 4.58 21.22 13.28
CA TRP C 36 4.90 21.74 14.61
C TRP C 36 5.55 20.65 15.45
N UNK C 37 6.63 21.00 16.19
CA UNK C 37 7.29 20.15 17.16
C UNK C 37 7.36 20.91 18.47
N ARG C 38 7.64 20.21 19.55
CA ARG C 38 7.87 20.91 20.82
C ARG C 38 9.01 20.24 21.58
N GLN C 39 9.73 21.04 22.34
CA GLN C 39 10.82 20.50 23.15
C GLN C 39 10.67 21.03 24.56
N UNK C 40 10.31 20.13 25.47
CA UNK C 40 10.29 20.47 26.88
C UNK C 40 11.72 20.43 27.44
N PRO C 41 12.00 21.16 28.51
CA PRO C 41 13.38 21.18 29.06
C PRO C 41 13.91 19.76 29.26
N GLY C 42 15.11 19.50 28.74
CA GLY C 42 15.74 18.19 28.88
C GLY C 42 15.28 17.09 27.96
N UNK C 43 14.19 17.27 27.21
CA UNK C 43 13.69 16.19 26.37
C UNK C 43 14.07 16.41 24.93
N UNK C 44 13.81 15.39 24.12
CA UNK C 44 14.02 15.55 22.70
C UNK C 44 12.85 16.30 22.10
N ARG C 45 13.07 16.80 20.90
CA ARG C 45 12.01 17.46 20.19
C ARG C 45 11.00 16.39 19.78
N GLU C 46 9.72 16.63 20.14
CA GLU C 46 8.61 15.70 19.93
C GLU C 46 7.72 16.27 18.83
N UNK C 47 7.25 15.42 17.93
CA UNK C 47 6.27 15.81 16.93
C UNK C 47 4.95 16.19 17.60
N VAL C 48 4.31 17.25 17.09
CA VAL C 48 2.98 17.69 17.52
C VAL C 48 1.91 17.56 16.43
N UNK C 49 2.13 18.13 15.24
CA UNK C 49 1.10 18.16 14.22
C UNK C 49 1.72 18.52 12.89
N UNK C 50 1.04 18.17 11.80
CA UNK C 50 1.43 18.57 10.45
C UNK C 50 0.21 19.01 9.67
N UNK C 51 0.32 20.17 9.00
CA UNK C 51 -0.67 20.57 8.02
C UNK C 51 -0.09 20.31 6.64
N UNK C 52 -0.66 19.33 5.93
CA UNK C 52 -0.21 19.11 4.57
C UNK C 52 -0.77 20.22 3.66
N UNK C 53 -0.54 20.13 2.33
CA UNK C 53 -1.20 21.10 1.43
C UNK C 53 -2.71 21.08 1.65
N UNK C 54 -3.37 22.20 1.37
CA UNK C 54 -4.82 22.24 1.50
C UNK C 54 -5.48 21.12 0.70
N UNK C 55 -6.35 20.37 1.36
CA UNK C 55 -6.98 19.23 0.74
C UNK C 55 -6.33 17.90 1.06
N UNK C 56 -5.13 17.91 1.67
CA UNK C 56 -4.37 16.70 1.92
C UNK C 56 -4.36 16.34 3.39
N UNK C 57 -5.00 17.16 4.20
CA UNK C 57 -5.27 16.78 5.58
C UNK C 57 -4.22 17.22 6.58
N UNK C 58 -4.57 16.99 7.81
CA UNK C 58 -3.74 17.28 8.98
C UNK C 58 -3.58 16.01 9.81
N UNK C 59 -2.40 15.82 10.39
CA UNK C 59 -2.14 14.65 11.25
C UNK C 59 -1.52 15.08 12.55
N UNK C 60 -1.77 14.32 13.61
CA UNK C 60 -1.49 14.75 14.98
C UNK C 60 -0.83 13.70 15.84
N UNK C 61 -0.03 14.13 16.82
CA UNK C 61 0.47 13.23 17.86
C UNK C 61 -0.63 12.79 18.83
N ASP C 62 -0.45 11.63 19.47
CA ASP C 62 -1.40 11.15 20.47
C ASP C 62 -1.57 12.13 21.60
N SER C 63 -0.49 12.83 21.95
CA SER C 63 -0.53 13.69 23.12
C SER C 63 -1.42 14.93 22.95
N UNK C 64 -1.78 15.30 21.72
CA UNK C 64 -2.51 16.54 21.49
C UNK C 64 -3.80 16.32 20.72
N UNK C 65 -4.09 15.07 20.34
CA UNK C 65 -5.30 14.79 19.58
C UNK C 65 -6.52 15.30 20.34
N GLY C 66 -7.33 16.02 19.62
CA GLY C 66 -8.56 16.55 20.15
C GLY C 66 -8.40 17.92 20.75
N ARG C 67 -7.21 18.34 21.11
CA ARG C 67 -7.03 19.61 21.77
C ARG C 67 -6.37 20.65 20.90
N PHE C 68 -5.46 20.26 20.03
CA PHE C 68 -4.73 21.16 19.18
C PHE C 68 -5.19 20.92 17.74
N THR C 69 -5.20 21.97 16.92
CA THR C 69 -5.62 21.96 15.52
C THR C 69 -4.67 22.80 14.70
N UNK C 70 -4.18 22.30 13.57
CA UNK C 70 -3.38 23.11 12.65
C UNK C 70 -4.26 23.67 11.54
N SER C 71 -3.88 24.85 11.05
CA SER C 71 -4.57 25.44 9.91
C SER C 71 -3.58 26.30 9.13
N UNK C 72 -4.00 26.70 7.93
CA UNK C 72 -3.14 27.46 7.05
C UNK C 72 -3.79 28.76 6.61
N ASP C 73 -2.96 29.79 6.35
CA ASP C 73 -3.36 30.95 5.59
C ASP C 73 -2.33 31.08 4.47
N UNK C 74 -2.58 30.35 3.39
CA UNK C 74 -1.60 30.34 2.30
C UNK C 74 -1.40 31.73 1.72
N UNK C 75 -2.44 32.58 1.66
CA UNK C 75 -2.27 33.90 1.07
C UNK C 75 -1.28 34.75 1.86
N UNK C 76 -1.10 34.44 3.13
CA UNK C 76 -0.18 35.20 3.99
C UNK C 76 1.04 34.35 4.33
N UNK C 77 1.23 33.20 3.65
CA UNK C 77 2.43 32.40 3.80
C UNK C 77 2.63 31.99 5.25
N UNK C 78 1.52 31.71 5.93
CA UNK C 78 1.56 31.46 7.39
C UNK C 78 0.76 30.21 7.75
N UNK C 79 1.24 29.47 8.76
CA UNK C 79 0.47 28.36 9.35
C UNK C 79 0.28 28.59 10.85
N UNK C 80 -0.70 27.89 11.41
CA UNK C 80 -1.12 28.14 12.79
C UNK C 80 -1.26 26.84 13.58
N LEU C 81 -1.05 26.93 14.90
CA LEU C 81 -1.39 25.84 15.82
C LEU C 81 -2.32 26.39 16.90
N GLN C 82 -3.59 26.00 16.83
CA GLN C 82 -4.60 26.40 17.80
C GLN C 82 -4.53 25.44 18.96
N UNK C 83 -4.35 25.89 20.18
CA UNK C 83 -4.09 25.04 21.34
C UNK C 83 -5.17 25.31 22.37
N UNK C 84 -6.05 24.38 22.60
CA UNK C 84 -7.10 24.51 23.60
C UNK C 84 -6.84 23.52 24.73
N UNK C 85 -7.54 23.72 25.85
CA UNK C 85 -7.49 22.81 26.99
C UNK C 85 -6.07 22.48 27.39
N LEU C 86 -5.28 23.54 27.54
CA LEU C 86 -3.86 23.39 27.84
C LEU C 86 -3.62 22.87 29.25
N UNK C 87 -2.55 22.08 29.40
CA UNK C 87 -2.20 21.46 30.67
C UNK C 87 -0.75 21.80 30.97
N UNK C 88 -0.34 21.79 32.25
CA UNK C 88 1.07 22.07 32.58
C UNK C 88 2.08 21.28 31.77
N UNK C 89 1.77 20.01 31.44
CA UNK C 89 2.67 19.14 30.66
C UNK C 89 2.85 19.59 29.23
N ASP C 90 2.05 20.54 28.75
CA ASP C 90 2.24 21.15 27.44
C ASP C 90 3.29 22.25 27.42
N UNK C 91 3.83 22.61 28.59
CA UNK C 91 4.85 23.66 28.66
C UNK C 91 6.10 23.22 27.89
N ALA C 92 6.55 24.03 26.94
CA ALA C 92 7.69 23.64 26.10
C ALA C 92 7.99 24.81 25.17
N UNK C 93 9.14 24.74 24.46
CA UNK C 93 9.39 25.61 23.30
C UNK C 93 8.77 24.91 22.10
N TYR C 94 7.93 25.62 21.36
CA TYR C 94 7.24 25.08 20.18
C TYR C 94 7.95 25.59 18.92
N TYR C 95 8.23 24.68 17.98
CA TYR C 95 8.96 25.00 16.76
C TYR C 95 8.10 24.68 15.55
N CYS C 96 8.24 25.44 14.46
CA CYS C 96 7.66 25.03 13.19
C CYS C 96 8.79 24.69 12.20
N UNK C 97 8.48 23.84 11.23
CA UNK C 97 9.45 23.48 10.20
C UNK C 97 8.70 23.23 8.90
N UNK C 98 9.34 23.56 7.80
CA UNK C 98 8.81 23.21 6.48
C UNK C 98 9.30 21.82 6.11
N UNK C 99 8.40 20.98 5.55
CA UNK C 99 8.84 19.74 4.86
C UNK C 99 9.18 20.10 3.42
N UNK C 100 10.48 20.06 3.08
CA UNK C 100 10.88 20.46 1.74
C UNK C 100 10.51 19.42 0.66
N UNK C 101 10.03 18.23 1.06
CA UNK C 101 9.66 17.21 0.09
C UNK C 101 8.16 17.33 -0.18
N UNK C 102 7.81 17.66 -1.44
CA UNK C 102 6.39 17.79 -1.73
C UNK C 102 5.66 16.45 -1.65
N UNK C 103 6.39 15.33 -1.63
CA UNK C 103 5.79 14.00 -1.45
C UNK C 103 5.66 13.60 0.03
N UNK C 104 6.03 14.47 0.98
CA UNK C 104 5.65 14.36 2.39
C UNK C 104 6.47 13.35 3.20
N UNK C 105 7.72 13.14 2.79
CA UNK C 105 8.61 12.25 3.56
C UNK C 105 9.31 12.92 4.74
N UNK C 106 9.06 14.19 5.04
CA UNK C 106 9.63 14.81 6.23
C UNK C 106 11.06 15.31 6.07
N UNK C 107 11.34 16.01 4.98
CA UNK C 107 12.66 16.61 4.79
C UNK C 107 12.66 18.00 5.44
N UNK C 108 12.92 18.05 6.75
CA UNK C 108 12.72 19.31 7.50
C UNK C 108 14.04 20.11 7.45
N UNK C 109 14.18 20.95 6.43
CA UNK C 109 15.44 21.68 6.23
C UNK C 109 15.43 23.04 6.93
N UNK C 110 14.29 23.71 7.04
CA UNK C 110 14.20 25.06 7.62
C UNK C 110 13.28 25.03 8.82
N TRP C 111 13.72 25.68 9.91
CA TRP C 111 13.07 25.66 11.21
C TRP C 111 12.90 27.09 11.72
N GLY C 112 11.79 27.32 12.39
CA GLY C 112 11.64 28.56 13.16
C GLY C 112 12.49 28.54 14.43
N UNK C 113 12.55 29.72 15.07
CA UNK C 113 13.43 29.95 16.20
C UNK C 113 12.86 29.45 17.53
N GLY C 114 11.61 29.13 17.54
CA GLY C 114 10.95 28.61 18.73
C GLY C 114 10.20 29.67 19.50
N THR C 115 9.05 29.31 20.09
CA THR C 115 8.33 30.24 20.96
C THR C 115 7.93 29.48 22.23
N UNK C 116 8.13 30.08 23.40
CA UNK C 116 7.85 29.40 24.66
C UNK C 116 6.36 29.48 24.97
N VAL C 117 5.77 28.36 25.36
CA VAL C 117 4.43 28.31 25.93
C VAL C 117 4.55 27.78 27.34
N THR C 118 4.03 28.52 28.33
CA THR C 118 4.10 28.06 29.71
C THR C 118 2.68 27.98 30.23
N VAL C 119 2.29 26.82 30.78
CA VAL C 119 0.96 26.59 31.27
C VAL C 119 1.04 26.47 32.77
N SER C 120 0.61 27.52 33.47
CA SER C 120 0.78 27.58 34.91
C SER C 120 -0.29 28.50 35.47
N SER C 121 -0.77 28.14 36.66
CA SER C 121 -1.70 29.01 37.39
C SER C 121 -0.97 29.74 38.50
N ALA D 2 -19.92 -4.18 -36.22
CA ALA D 2 -20.48 -4.70 -34.97
C ALA D 2 -20.00 -3.88 -33.78
N ASN D 3 -20.84 -3.82 -32.74
CA ASN D 3 -20.58 -2.94 -31.60
C ASN D 3 -20.09 -3.77 -30.42
N PRO D 4 -18.84 -3.60 -29.99
CA PRO D 4 -18.36 -4.32 -28.81
C PRO D 4 -19.11 -4.01 -27.55
N ASN D 5 -19.87 -2.90 -27.50
CA ASN D 5 -20.66 -2.53 -26.34
C ASN D 5 -22.13 -2.85 -26.49
N ALA D 6 -22.48 -3.69 -27.45
CA ALA D 6 -23.86 -4.15 -27.55
C ALA D 6 -24.19 -5.06 -26.36
N ASN D 7 -25.49 -5.18 -26.06
CA ASN D 7 -25.93 -6.03 -24.95
C ASN D 7 -25.54 -7.49 -25.22
N PRO D 8 -24.72 -8.12 -24.37
CA PRO D 8 -24.29 -9.50 -24.62
C PRO D 8 -25.17 -10.54 -23.95
N ASN D 9 -26.29 -10.10 -23.32
CA ASN D 9 -27.17 -10.99 -22.59
C ASN D 9 -28.42 -11.29 -23.40
N ALA D 10 -29.13 -12.34 -22.98
CA ALA D 10 -30.34 -12.75 -23.70
C ALA D 10 -31.42 -11.69 -23.53
N ASN D 11 -32.19 -11.46 -24.63
CA ASN D 11 -33.41 -10.64 -24.74
C ASN D 11 -33.20 -9.13 -24.53
N PRO D 12 -32.47 -8.44 -25.43
CA PRO D 12 -32.29 -6.98 -25.29
C PRO D 12 -33.53 -6.17 -25.63
#